data_7DJK
#
_entry.id   7DJK
#
_cell.length_a   183.191
_cell.length_b   183.191
_cell.length_c   120.894
_cell.angle_alpha   90.000
_cell.angle_beta   90.000
_cell.angle_gamma   90.000
#
_symmetry.space_group_name_H-M   'I 4 2 2'
#
loop_
_entity.id
_entity.type
_entity.pdbx_description
1 polymer 'Protein SUPPRESSOR OF QUENCHING 1, chloroplastic'
2 non-polymer 'CHLORIDE ION'
3 non-polymer 'SODIUM ION'
4 water water
#
_entity_poly.entity_id   1
_entity_poly.type   'polypeptide(L)'
_entity_poly.pdbx_seq_one_letter_code
;MGQTATTVPEFPSKLDWLNTAPLQFRRDLKGKVVILDFWTYSSINSMHVLPDLEFLEKKYKDMPFTVVGVHSAKFDNEKD
LDAIRNAVLRYDISHPVVNDGDMYMWRELGINSWPTFAVVSPNGKVIAQIAGEGHRKDLDDVVAAALTYYGGKNVLDSTP
LPTRLEKDNDPRLATSPLKFPGKLAIDTLNNRLFISDSNHNRIIVTDLEGNFIVQIGSSGEEGFQDGSFEDAAFNRPQGL
AYNAKKNLLYVADTENHALREIDFVNERVQTLAGNGTKGSDYQGGRKGTKQLLNSPWDVCFEPVNEKVYIAMAGQHQIWE
YSVLDGITRVFSGNGYERNLNGSTPQTTSFAQPSGISLGPDLKEAYIADSESSSIRALDLQTGGSRLLAGGDPYFSENLF
KFGDNDGVGAEVLLQHPLGVLCANDGQIYLTDSYNHKIKKLDPVTKRVVTLAGTGKAGFKDGKVKGAQLSEPAGLAITEN
GRLFVADTNNSLIRYIDLNKGEDSEILTLELKGVQPPTPKAKSLKRLRKRASADTKIVKVDSVTSREGDLNLKISLPDGY
HFSKEARSKFVVDVEPENAVAIDPTEGTLSPEGSTMLHFIQSSTSASVGKISCKVYYCKEDEVCLYQSVQFEVPFKVESE
LSASPTITFTVTPRAPDAGGLQLQGTR
;
_entity_poly.pdbx_strand_id   A
#
loop_
_chem_comp.id
_chem_comp.type
_chem_comp.name
_chem_comp.formula
CL non-polymer 'CHLORIDE ION' 'Cl -1'
NA non-polymer 'SODIUM ION' 'Na 1'
#
# COMPACT_ATOMS: atom_id res chain seq x y z
N ALA A 5 -16.91 -34.42 5.56
CA ALA A 5 -16.42 -33.29 4.79
C ALA A 5 -17.33 -32.06 4.94
N THR A 6 -16.71 -30.94 5.28
CA THR A 6 -17.44 -29.68 5.47
C THR A 6 -18.17 -29.30 4.19
N THR A 7 -19.43 -28.93 4.34
CA THR A 7 -20.19 -28.28 3.27
C THR A 7 -20.16 -26.76 3.49
N VAL A 8 -19.56 -26.04 2.55
CA VAL A 8 -19.37 -24.60 2.69
C VAL A 8 -20.74 -23.93 2.92
N PRO A 9 -20.83 -22.88 3.74
CA PRO A 9 -22.14 -22.22 3.89
C PRO A 9 -22.48 -21.39 2.66
N GLU A 10 -23.77 -21.12 2.51
CA GLU A 10 -24.19 -20.18 1.48
C GLU A 10 -23.75 -18.78 1.86
N PHE A 11 -23.55 -17.93 0.86
CA PHE A 11 -23.28 -16.54 1.18
C PHE A 11 -24.58 -15.88 1.63
N PRO A 12 -24.53 -15.09 2.70
CA PRO A 12 -25.74 -14.39 3.11
C PRO A 12 -26.17 -13.44 2.02
N SER A 13 -27.48 -13.20 1.96
CA SER A 13 -28.02 -12.16 1.12
C SER A 13 -27.77 -10.79 1.76
N LYS A 14 -27.75 -9.77 0.90
CA LYS A 14 -27.32 -8.43 1.34
C LYS A 14 -25.91 -8.51 1.89
N LEU A 15 -25.09 -9.29 1.22
CA LEU A 15 -23.65 -9.18 1.28
C LEU A 15 -23.32 -8.60 -0.08
N ASP A 16 -22.68 -7.45 -0.10
CA ASP A 16 -22.41 -6.77 -1.35
C ASP A 16 -21.28 -7.47 -2.11
N TRP A 17 -21.33 -7.37 -3.44
CA TRP A 17 -20.32 -7.96 -4.29
C TRP A 17 -19.67 -6.89 -5.16
N LEU A 18 -18.45 -7.19 -5.57
CA LEU A 18 -17.71 -6.36 -6.50
C LEU A 18 -17.21 -7.25 -7.63
N ASN A 19 -17.03 -6.65 -8.81
CA ASN A 19 -16.59 -7.34 -10.01
C ASN A 19 -17.60 -8.35 -10.57
N THR A 20 -18.84 -8.33 -10.11
CA THR A 20 -19.78 -9.38 -10.46
C THR A 20 -21.16 -9.11 -9.89
N ALA A 21 -22.20 -9.60 -10.54
CA ALA A 21 -23.49 -9.74 -9.88
C ALA A 21 -23.35 -10.68 -8.68
N PRO A 22 -24.17 -10.49 -7.64
CA PRO A 22 -24.11 -11.39 -6.47
C PRO A 22 -24.11 -12.85 -6.89
N LEU A 23 -23.23 -13.63 -6.25
CA LEU A 23 -23.10 -15.04 -6.53
C LEU A 23 -23.60 -15.83 -5.35
N GLN A 24 -23.92 -17.10 -5.61
CA GLN A 24 -24.17 -18.04 -4.53
C GLN A 24 -23.71 -19.42 -4.95
N PHE A 25 -23.45 -20.24 -3.93
CA PHE A 25 -22.94 -21.57 -4.17
C PHE A 25 -23.96 -22.48 -4.85
N ARG A 26 -25.26 -22.28 -4.60
CA ARG A 26 -26.24 -23.17 -5.20
C ARG A 26 -26.62 -22.79 -6.64
N ARG A 27 -26.49 -21.53 -7.03
CA ARG A 27 -26.94 -21.11 -8.35
C ARG A 27 -25.80 -20.90 -9.35
N ASP A 28 -24.69 -20.24 -8.97
CA ASP A 28 -23.63 -19.87 -9.91
C ASP A 28 -22.35 -20.63 -9.73
N LEU A 29 -22.04 -21.05 -8.51
CA LEU A 29 -20.78 -21.71 -8.29
C LEU A 29 -20.91 -23.22 -8.36
N LYS A 30 -22.14 -23.74 -8.37
CA LYS A 30 -22.36 -25.16 -8.59
C LYS A 30 -21.75 -25.55 -9.93
N GLY A 31 -20.92 -26.58 -9.91
CA GLY A 31 -20.25 -27.00 -11.11
C GLY A 31 -18.95 -26.29 -11.38
N LYS A 32 -18.52 -25.41 -10.48
CA LYS A 32 -17.22 -24.78 -10.59
C LYS A 32 -16.31 -25.27 -9.47
N VAL A 33 -15.01 -25.35 -9.77
CA VAL A 33 -13.99 -25.39 -8.73
C VAL A 33 -13.72 -23.97 -8.25
N VAL A 34 -13.79 -23.76 -6.95
CA VAL A 34 -13.72 -22.42 -6.38
C VAL A 34 -12.60 -22.35 -5.36
N ILE A 35 -11.84 -21.27 -5.43
CA ILE A 35 -10.90 -20.90 -4.37
C ILE A 35 -11.45 -19.68 -3.63
N LEU A 36 -11.73 -19.85 -2.35
CA LEU A 36 -12.07 -18.73 -1.49
C LEU A 36 -10.80 -18.14 -0.91
N ASP A 37 -10.55 -16.89 -1.23
CA ASP A 37 -9.40 -16.18 -0.70
C ASP A 37 -9.92 -15.27 0.42
N PHE A 38 -9.60 -15.63 1.66
CA PHE A 38 -9.95 -14.79 2.79
C PHE A 38 -8.84 -13.77 2.96
N TRP A 39 -9.16 -12.50 2.77
CA TRP A 39 -8.15 -11.46 2.63
C TRP A 39 -8.70 -10.17 3.22
N THR A 40 -7.81 -9.18 3.34
CA THR A 40 -8.23 -7.82 3.67
C THR A 40 -7.23 -6.87 3.05
N TYR A 41 -7.69 -5.73 2.53
CA TYR A 41 -6.80 -5.01 1.65
C TYR A 41 -5.69 -4.24 2.38
N SER A 42 -5.75 -4.18 3.71
CA SER A 42 -4.67 -3.62 4.52
C SER A 42 -3.53 -4.61 4.77
N SER A 43 -3.71 -5.89 4.48
CA SER A 43 -2.70 -6.91 4.76
C SER A 43 -1.69 -7.01 3.62
N ILE A 44 -0.41 -6.72 3.90
CA ILE A 44 0.61 -6.92 2.88
C ILE A 44 0.75 -8.40 2.49
N ASN A 45 0.35 -9.34 3.35
CA ASN A 45 0.43 -10.74 2.91
C ASN A 45 -0.71 -11.09 1.99
N SER A 46 -1.90 -10.57 2.30
CA SER A 46 -2.98 -10.64 1.35
C SER A 46 -2.55 -10.07 0.00
N MET A 47 -1.87 -8.92 0.01
CA MET A 47 -1.40 -8.35 -1.24
C MET A 47 -0.38 -9.29 -1.89
N HIS A 48 0.43 -9.97 -1.07
CA HIS A 48 1.50 -10.83 -1.57
C HIS A 48 0.96 -12.04 -2.33
N VAL A 49 -0.26 -12.50 -2.04
CA VAL A 49 -0.80 -13.68 -2.72
C VAL A 49 -1.72 -13.33 -3.89
N LEU A 50 -2.11 -12.08 -4.06
CA LEU A 50 -2.86 -11.73 -5.26
C LEU A 50 -2.14 -12.18 -6.52
N PRO A 51 -0.82 -12.04 -6.65
CA PRO A 51 -0.17 -12.55 -7.87
C PRO A 51 -0.22 -14.06 -7.98
N ASP A 52 -0.24 -14.79 -6.84
CA ASP A 52 -0.54 -16.22 -6.88
C ASP A 52 -1.90 -16.47 -7.53
N LEU A 53 -2.94 -15.75 -7.05
CA LEU A 53 -4.27 -15.93 -7.62
C LEU A 53 -4.34 -15.48 -9.07
N GLU A 54 -3.60 -14.43 -9.44
CA GLU A 54 -3.57 -14.04 -10.84
C GLU A 54 -3.01 -15.17 -11.69
N PHE A 55 -1.99 -15.86 -11.15
CA PHE A 55 -1.41 -16.98 -11.86
C PHE A 55 -2.46 -18.04 -12.13
N LEU A 56 -3.20 -18.44 -11.10
CA LEU A 56 -4.20 -19.48 -11.31
C LEU A 56 -5.34 -19.00 -12.21
N GLU A 57 -5.77 -17.74 -12.04
CA GLU A 57 -6.83 -17.23 -12.89
C GLU A 57 -6.45 -17.28 -14.37
N LYS A 58 -5.21 -16.92 -14.69
CA LYS A 58 -4.78 -16.95 -16.09
C LYS A 58 -4.63 -18.39 -16.56
N LYS A 59 -3.97 -19.23 -15.76
CA LYS A 59 -3.77 -20.62 -16.15
C LYS A 59 -5.09 -21.31 -16.48
N TYR A 60 -6.12 -21.04 -15.71
CA TYR A 60 -7.41 -21.71 -15.88
C TYR A 60 -8.45 -20.79 -16.49
N LYS A 61 -8.01 -19.98 -17.45
CA LYS A 61 -8.82 -18.91 -18.05
C LYS A 61 -10.18 -19.44 -18.52
N ASP A 62 -10.16 -20.54 -19.28
CA ASP A 62 -11.40 -21.01 -19.88
C ASP A 62 -11.76 -22.38 -19.34
N MET A 63 -11.68 -22.53 -18.02
CA MET A 63 -12.09 -23.74 -17.35
C MET A 63 -13.07 -23.38 -16.25
N PRO A 64 -13.90 -24.33 -15.82
CA PRO A 64 -14.91 -24.00 -14.79
C PRO A 64 -14.27 -23.79 -13.44
N PHE A 65 -13.70 -22.60 -13.29
CA PHE A 65 -12.87 -22.27 -12.13
C PHE A 65 -13.01 -20.81 -11.80
N THR A 66 -13.08 -20.51 -10.51
CA THR A 66 -13.14 -19.09 -10.15
C THR A 66 -12.59 -18.88 -8.75
N VAL A 67 -11.89 -17.76 -8.60
CA VAL A 67 -11.45 -17.24 -7.32
C VAL A 67 -12.52 -16.29 -6.79
N VAL A 68 -12.89 -16.45 -5.51
CA VAL A 68 -13.77 -15.49 -4.84
C VAL A 68 -13.03 -14.89 -3.65
N GLY A 69 -12.67 -13.62 -3.76
CA GLY A 69 -12.01 -12.91 -2.68
C GLY A 69 -13.02 -12.52 -1.63
N VAL A 70 -13.16 -13.36 -0.61
CA VAL A 70 -13.98 -13.03 0.55
C VAL A 70 -13.24 -11.97 1.38
N HIS A 71 -13.65 -10.71 1.29
CA HIS A 71 -12.96 -9.63 2.01
C HIS A 71 -13.47 -9.57 3.46
N SER A 72 -12.70 -10.15 4.39
CA SER A 72 -13.01 -10.09 5.80
C SER A 72 -12.15 -9.00 6.47
N ALA A 73 -12.78 -7.92 6.92
CA ALA A 73 -12.03 -6.72 7.29
C ALA A 73 -11.33 -6.85 8.63
N LYS A 74 -10.10 -6.31 8.70
CA LYS A 74 -9.43 -6.05 9.96
C LYS A 74 -9.86 -4.72 10.56
N PHE A 75 -9.61 -3.64 9.82
CA PHE A 75 -9.96 -2.31 10.27
C PHE A 75 -11.41 -1.96 9.94
N ASP A 76 -11.96 -1.02 10.71
CA ASP A 76 -13.36 -0.68 10.52
C ASP A 76 -13.58 0.06 9.19
N ASN A 77 -12.61 0.88 8.77
CA ASN A 77 -12.73 1.53 7.48
C ASN A 77 -12.90 0.51 6.37
N GLU A 78 -12.43 -0.71 6.61
CA GLU A 78 -12.40 -1.73 5.58
C GLU A 78 -13.73 -2.41 5.39
N LYS A 79 -14.72 -2.12 6.25
CA LYS A 79 -16.03 -2.68 6.01
C LYS A 79 -16.83 -1.88 4.99
N ASP A 80 -16.48 -0.61 4.76
CA ASP A 80 -17.19 0.21 3.79
C ASP A 80 -16.91 -0.32 2.39
N LEU A 81 -17.99 -0.64 1.65
CA LEU A 81 -17.78 -1.28 0.35
C LEU A 81 -16.97 -0.41 -0.58
N ASP A 82 -17.06 0.91 -0.43
CA ASP A 82 -16.33 1.74 -1.38
C ASP A 82 -14.86 1.78 -1.06
N ALA A 83 -14.49 1.41 0.17
CA ALA A 83 -13.08 1.26 0.48
C ALA A 83 -12.51 0.03 -0.20
N ILE A 84 -13.18 -1.12 -0.06
CA ILE A 84 -12.77 -2.32 -0.76
C ILE A 84 -12.70 -2.08 -2.26
N ARG A 85 -13.68 -1.35 -2.82
CA ARG A 85 -13.70 -1.13 -4.27
C ARG A 85 -12.49 -0.36 -4.73
N ASN A 86 -12.06 0.62 -3.96
CA ASN A 86 -10.85 1.32 -4.33
C ASN A 86 -9.63 0.41 -4.22
N ALA A 87 -9.64 -0.49 -3.25
CA ALA A 87 -8.57 -1.45 -3.15
C ALA A 87 -8.60 -2.41 -4.33
N VAL A 88 -9.79 -2.92 -4.68
CA VAL A 88 -9.92 -3.81 -5.82
C VAL A 88 -9.33 -3.15 -7.06
N LEU A 89 -9.53 -1.85 -7.20
CA LEU A 89 -8.94 -1.16 -8.33
C LEU A 89 -7.44 -0.98 -8.15
N ARG A 90 -7.01 -0.51 -6.98
CA ARG A 90 -5.58 -0.28 -6.77
C ARG A 90 -4.77 -1.57 -6.95
N TYR A 91 -5.36 -2.72 -6.61
CA TYR A 91 -4.60 -3.97 -6.60
C TYR A 91 -4.73 -4.77 -7.88
N ASP A 92 -5.51 -4.30 -8.86
CA ASP A 92 -5.80 -5.03 -10.10
C ASP A 92 -6.53 -6.33 -9.85
N ILE A 93 -7.34 -6.40 -8.80
CA ILE A 93 -8.18 -7.57 -8.64
C ILE A 93 -9.29 -7.51 -9.66
N SER A 94 -9.46 -8.60 -10.40
CA SER A 94 -10.54 -8.72 -11.35
C SER A 94 -11.47 -9.90 -11.08
N HIS A 95 -11.12 -10.77 -10.13
CA HIS A 95 -12.01 -11.87 -9.76
C HIS A 95 -13.14 -11.35 -8.89
N PRO A 96 -14.19 -12.16 -8.71
CA PRO A 96 -15.28 -11.75 -7.82
C PRO A 96 -14.76 -11.50 -6.42
N VAL A 97 -15.36 -10.50 -5.77
CA VAL A 97 -15.02 -10.12 -4.42
C VAL A 97 -16.32 -9.87 -3.68
N VAL A 98 -16.44 -10.41 -2.48
CA VAL A 98 -17.61 -10.16 -1.66
C VAL A 98 -17.13 -9.64 -0.30
N ASN A 99 -17.78 -8.57 0.17
CA ASN A 99 -17.50 -7.87 1.40
C ASN A 99 -18.21 -8.57 2.57
N ASP A 100 -17.57 -9.63 3.07
CA ASP A 100 -18.05 -10.34 4.27
C ASP A 100 -17.50 -9.60 5.50
N GLY A 101 -17.98 -8.37 5.67
CA GLY A 101 -17.40 -7.45 6.62
C GLY A 101 -17.52 -7.85 8.09
N ASP A 102 -18.50 -8.68 8.46
CA ASP A 102 -18.64 -9.14 9.83
C ASP A 102 -18.22 -10.61 9.97
N MET A 103 -17.40 -11.08 9.03
CA MET A 103 -16.64 -12.34 9.12
C MET A 103 -17.54 -13.55 9.34
N TYR A 104 -18.74 -13.52 8.77
CA TYR A 104 -19.62 -14.68 8.89
C TYR A 104 -18.99 -15.89 8.23
N MET A 105 -18.58 -15.73 6.96
CA MET A 105 -17.95 -16.84 6.25
C MET A 105 -16.64 -17.26 6.90
N TRP A 106 -15.83 -16.28 7.31
CA TRP A 106 -14.62 -16.51 8.09
C TRP A 106 -14.87 -17.45 9.27
N ARG A 107 -15.84 -17.10 10.12
CA ARG A 107 -16.05 -17.90 11.33
C ARG A 107 -16.62 -19.27 11.00
N GLU A 108 -17.58 -19.32 10.08
CA GLU A 108 -18.23 -20.59 9.77
C GLU A 108 -17.25 -21.64 9.28
N LEU A 109 -16.23 -21.22 8.52
CA LEU A 109 -15.21 -22.16 8.07
C LEU A 109 -14.06 -22.31 9.05
N GLY A 110 -13.95 -21.44 10.04
CA GLY A 110 -12.84 -21.53 10.97
C GLY A 110 -11.56 -20.87 10.51
N ILE A 111 -11.66 -19.79 9.74
CA ILE A 111 -10.46 -19.12 9.25
C ILE A 111 -9.77 -18.42 10.43
N ASN A 112 -8.44 -18.55 10.48
CA ASN A 112 -7.61 -17.99 11.54
C ASN A 112 -6.73 -16.80 11.15
N SER A 113 -6.21 -16.73 9.93
CA SER A 113 -5.27 -15.69 9.57
C SER A 113 -5.60 -15.12 8.19
N TRP A 114 -4.89 -14.04 7.82
CA TRP A 114 -4.91 -13.54 6.45
C TRP A 114 -3.54 -13.77 5.84
N PRO A 115 -3.42 -14.37 4.67
CA PRO A 115 -4.61 -14.82 3.96
C PRO A 115 -4.78 -16.32 4.20
N THR A 116 -5.89 -16.86 3.75
CA THR A 116 -6.22 -18.27 3.95
C THR A 116 -7.12 -18.66 2.80
N PHE A 117 -6.74 -19.72 2.11
CA PHE A 117 -7.43 -20.20 0.93
C PHE A 117 -8.30 -21.39 1.31
N ALA A 118 -9.58 -21.33 0.94
CA ALA A 118 -10.46 -22.49 1.06
C ALA A 118 -10.88 -22.90 -0.34
N VAL A 119 -10.59 -24.14 -0.70
CA VAL A 119 -10.83 -24.67 -2.03
C VAL A 119 -12.10 -25.50 -1.99
N VAL A 120 -13.09 -25.15 -2.81
CA VAL A 120 -14.39 -25.80 -2.74
C VAL A 120 -14.68 -26.58 -4.03
N SER A 121 -15.37 -27.71 -3.89
CA SER A 121 -15.70 -28.58 -5.01
C SER A 121 -16.94 -28.10 -5.76
N PRO A 122 -17.14 -28.61 -6.98
CA PRO A 122 -18.37 -28.30 -7.74
C PRO A 122 -19.67 -28.55 -7.01
N ASN A 123 -19.64 -29.44 -6.01
CA ASN A 123 -20.78 -29.75 -5.16
C ASN A 123 -20.91 -28.83 -3.95
N GLY A 124 -19.84 -28.15 -3.55
CA GLY A 124 -19.86 -27.35 -2.34
C GLY A 124 -19.15 -27.92 -1.14
N LYS A 125 -18.39 -29.01 -1.29
CA LYS A 125 -17.59 -29.54 -0.19
C LYS A 125 -16.21 -28.90 -0.20
N VAL A 126 -15.70 -28.57 0.98
CA VAL A 126 -14.37 -27.97 1.13
C VAL A 126 -13.31 -29.07 1.07
N ILE A 127 -12.50 -29.08 0.01
CA ILE A 127 -11.53 -30.16 -0.22
C ILE A 127 -10.10 -29.79 0.18
N ALA A 128 -9.83 -28.53 0.50
CA ALA A 128 -8.51 -28.14 1.00
C ALA A 128 -8.64 -26.80 1.71
N GLN A 129 -7.78 -26.57 2.69
CA GLN A 129 -7.73 -25.30 3.40
C GLN A 129 -6.28 -24.97 3.71
N ILE A 130 -5.74 -23.96 3.01
CA ILE A 130 -4.35 -23.54 3.14
C ILE A 130 -4.28 -22.11 3.65
N ALA A 131 -3.32 -21.84 4.53
CA ALA A 131 -3.07 -20.52 5.09
C ALA A 131 -1.66 -20.08 4.75
N GLY A 132 -1.51 -18.79 4.43
CA GLY A 132 -0.22 -18.17 4.32
C GLY A 132 0.23 -17.99 2.89
N GLU A 133 1.35 -17.30 2.72
CA GLU A 133 1.83 -17.06 1.38
C GLU A 133 2.76 -18.21 0.99
N GLY A 134 3.23 -18.18 -0.26
CA GLY A 134 4.06 -19.24 -0.78
C GLY A 134 3.37 -20.57 -0.98
N HIS A 135 2.11 -20.58 -1.41
CA HIS A 135 1.40 -21.82 -1.70
C HIS A 135 0.86 -21.84 -3.13
N ARG A 136 1.50 -21.11 -4.05
CA ARG A 136 1.07 -21.12 -5.45
C ARG A 136 1.03 -22.55 -5.99
N LYS A 137 2.15 -23.30 -5.87
CA LYS A 137 2.19 -24.66 -6.41
C LYS A 137 1.21 -25.57 -5.68
N ASP A 138 1.12 -25.47 -4.36
CA ASP A 138 0.13 -26.25 -3.63
C ASP A 138 -1.27 -26.04 -4.20
N LEU A 139 -1.67 -24.78 -4.40
CA LEU A 139 -2.97 -24.51 -4.98
C LEU A 139 -3.04 -25.01 -6.42
N ASP A 140 -2.01 -24.70 -7.21
CA ASP A 140 -1.93 -25.19 -8.59
C ASP A 140 -2.21 -26.68 -8.63
N ASP A 141 -1.70 -27.43 -7.65
CA ASP A 141 -1.85 -28.88 -7.66
C ASP A 141 -3.28 -29.29 -7.33
N VAL A 142 -3.85 -28.73 -6.25
CA VAL A 142 -5.22 -29.06 -5.88
C VAL A 142 -6.18 -28.74 -7.02
N VAL A 143 -6.02 -27.56 -7.64
CA VAL A 143 -6.97 -27.16 -8.67
C VAL A 143 -6.85 -28.04 -9.91
N ALA A 144 -5.62 -28.32 -10.34
CA ALA A 144 -5.41 -29.35 -11.35
C ALA A 144 -6.16 -30.62 -10.99
N ALA A 145 -5.78 -31.24 -9.86
CA ALA A 145 -6.38 -32.50 -9.44
C ALA A 145 -7.90 -32.43 -9.44
N ALA A 146 -8.46 -31.47 -8.69
CA ALA A 146 -9.90 -31.29 -8.63
C ALA A 146 -10.52 -31.19 -10.02
N LEU A 147 -9.89 -30.43 -10.92
CA LEU A 147 -10.45 -30.21 -12.25
C LEU A 147 -10.45 -31.49 -13.08
N THR A 148 -9.28 -32.11 -13.26
CA THR A 148 -9.23 -33.33 -14.05
C THR A 148 -10.04 -34.45 -13.39
N TYR A 149 -10.31 -34.36 -12.08
CA TYR A 149 -11.11 -35.38 -11.41
C TYR A 149 -12.61 -35.12 -11.55
N TYR A 150 -13.08 -33.99 -11.02
CA TYR A 150 -14.50 -33.67 -11.14
C TYR A 150 -14.93 -33.46 -12.60
N GLY A 151 -13.99 -33.18 -13.50
CA GLY A 151 -14.32 -33.24 -14.91
C GLY A 151 -14.55 -34.66 -15.39
N GLY A 152 -13.75 -35.62 -14.87
CA GLY A 152 -13.99 -37.02 -15.18
C GLY A 152 -15.38 -37.46 -14.76
N LYS A 153 -15.85 -37.00 -13.59
CA LYS A 153 -17.21 -37.29 -13.16
C LYS A 153 -18.28 -36.57 -14.00
N ASN A 154 -17.91 -35.58 -14.82
CA ASN A 154 -18.84 -34.79 -15.65
C ASN A 154 -19.88 -34.03 -14.83
N VAL A 155 -19.42 -33.40 -13.75
CA VAL A 155 -20.24 -32.55 -12.88
C VAL A 155 -19.92 -31.07 -13.02
N LEU A 156 -18.99 -30.69 -13.92
CA LEU A 156 -18.64 -29.30 -14.15
C LEU A 156 -19.58 -28.63 -15.14
N ASP A 157 -19.87 -27.37 -14.88
CA ASP A 157 -20.67 -26.50 -15.74
C ASP A 157 -19.81 -25.31 -16.15
N SER A 158 -19.64 -25.08 -17.44
CA SER A 158 -18.91 -23.90 -17.86
C SER A 158 -19.83 -22.83 -18.45
N THR A 159 -21.00 -22.64 -17.85
CA THR A 159 -21.73 -21.39 -18.02
C THR A 159 -20.92 -20.23 -17.46
N PRO A 160 -20.80 -19.12 -18.17
CA PRO A 160 -20.10 -17.95 -17.62
C PRO A 160 -20.67 -17.48 -16.30
N LEU A 161 -19.89 -16.65 -15.64
CA LEU A 161 -20.35 -15.94 -14.46
C LEU A 161 -20.82 -14.54 -14.82
N PRO A 162 -21.73 -13.97 -13.98
CA PRO A 162 -22.22 -12.60 -14.19
C PRO A 162 -21.18 -11.51 -13.95
N THR A 163 -20.10 -11.56 -14.73
CA THR A 163 -18.98 -10.66 -14.56
C THR A 163 -19.33 -9.22 -14.90
N ARG A 164 -19.00 -8.30 -13.99
CA ARG A 164 -19.14 -6.85 -14.15
C ARG A 164 -17.93 -6.27 -13.44
N LEU A 165 -16.82 -6.10 -14.16
CA LEU A 165 -15.66 -5.53 -13.49
C LEU A 165 -15.88 -4.09 -13.08
N GLU A 166 -15.47 -3.78 -11.84
CA GLU A 166 -15.55 -2.41 -11.37
C GLU A 166 -14.71 -1.51 -12.25
N LYS A 167 -13.58 -1.99 -12.77
CA LYS A 167 -12.78 -1.11 -13.59
C LYS A 167 -13.40 -0.82 -14.93
N ASP A 168 -14.45 -1.55 -15.33
CA ASP A 168 -15.22 -1.25 -16.52
C ASP A 168 -16.52 -0.48 -16.23
N ASN A 169 -16.68 0.01 -15.00
CA ASN A 169 -17.87 0.75 -14.59
C ASN A 169 -17.64 2.25 -14.45
N ASP A 170 -16.40 2.70 -14.52
CA ASP A 170 -16.04 4.09 -14.24
C ASP A 170 -15.42 4.72 -15.47
N PRO A 171 -16.06 5.71 -16.10
CA PRO A 171 -15.44 6.36 -17.27
C PRO A 171 -14.10 7.02 -16.95
N ARG A 172 -13.97 7.61 -15.77
CA ARG A 172 -12.84 8.49 -15.49
C ARG A 172 -11.54 7.75 -15.22
N LEU A 173 -11.58 6.46 -14.89
CA LEU A 173 -10.35 5.73 -14.57
C LEU A 173 -9.31 5.91 -15.67
N ALA A 174 -9.74 5.74 -16.91
CA ALA A 174 -8.87 5.95 -18.06
C ALA A 174 -8.49 7.41 -18.18
N THR A 175 -9.45 8.29 -17.90
CA THR A 175 -9.33 9.75 -18.07
C THR A 175 -8.44 10.47 -17.05
N SER A 176 -8.52 10.16 -15.76
CA SER A 176 -7.88 11.06 -14.79
C SER A 176 -6.39 11.15 -15.04
N PRO A 177 -5.78 12.32 -14.85
CA PRO A 177 -4.32 12.41 -15.05
C PRO A 177 -3.54 11.57 -14.05
N LEU A 178 -4.04 11.48 -12.82
CA LEU A 178 -3.44 10.68 -11.76
C LEU A 178 -4.35 9.52 -11.40
N LYS A 179 -3.77 8.35 -11.17
CA LYS A 179 -4.50 7.14 -10.77
C LYS A 179 -3.93 6.63 -9.46
N PHE A 180 -4.63 6.89 -8.37
CA PHE A 180 -4.19 6.53 -7.03
C PHE A 180 -2.76 6.95 -6.67
N PRO A 181 -2.44 8.25 -6.74
CA PRO A 181 -1.14 8.72 -6.24
C PRO A 181 -0.98 8.42 -4.76
N GLY A 182 0.21 7.95 -4.39
CA GLY A 182 0.38 7.47 -3.03
C GLY A 182 1.39 8.26 -2.23
N LYS A 183 2.46 8.70 -2.89
CA LYS A 183 3.60 9.25 -2.21
C LYS A 183 4.10 10.47 -2.95
N LEU A 184 4.75 11.40 -2.22
CA LEU A 184 5.23 12.65 -2.78
C LEU A 184 6.67 12.95 -2.38
N ALA A 185 7.32 13.79 -3.20
CA ALA A 185 8.62 14.34 -2.87
C ALA A 185 8.77 15.71 -3.51
N ILE A 186 9.74 16.49 -3.03
CA ILE A 186 9.86 17.90 -3.42
C ILE A 186 11.31 18.32 -3.48
N ASP A 187 11.59 19.31 -4.35
CA ASP A 187 12.92 19.88 -4.61
C ASP A 187 12.73 21.41 -4.52
N THR A 188 12.67 21.93 -3.28
CA THR A 188 12.29 23.33 -3.09
C THR A 188 13.28 24.31 -3.73
N LEU A 189 14.57 23.95 -3.81
CA LEU A 189 15.52 24.86 -4.43
C LEU A 189 15.15 25.14 -5.89
N ASN A 190 14.92 24.08 -6.68
CA ASN A 190 14.59 24.22 -8.10
C ASN A 190 13.08 24.21 -8.34
N ASN A 191 12.28 24.31 -7.26
CA ASN A 191 10.81 24.27 -7.25
C ASN A 191 10.24 23.17 -8.14
N ARG A 192 10.29 21.93 -7.65
CA ARG A 192 9.73 20.76 -8.33
C ARG A 192 8.93 19.90 -7.35
N LEU A 193 7.80 19.37 -7.81
CA LEU A 193 7.06 18.37 -7.06
C LEU A 193 7.14 17.02 -7.77
N PHE A 194 7.36 15.97 -6.98
CA PHE A 194 7.52 14.61 -7.47
C PHE A 194 6.30 13.82 -7.04
N ILE A 195 5.57 13.28 -8.02
CA ILE A 195 4.35 12.53 -7.77
C ILE A 195 4.58 11.07 -8.15
N SER A 196 4.32 10.20 -7.19
CA SER A 196 4.23 8.77 -7.44
C SER A 196 2.84 8.47 -7.99
N ASP A 197 2.70 8.44 -9.31
CA ASP A 197 1.41 8.13 -9.96
C ASP A 197 1.21 6.61 -9.99
N SER A 198 1.13 6.02 -8.79
CA SER A 198 1.22 4.57 -8.58
C SER A 198 0.49 3.79 -9.67
N ASN A 199 -0.83 3.87 -9.71
CA ASN A 199 -1.53 3.01 -10.65
C ASN A 199 -1.46 3.49 -12.09
N HIS A 200 -0.65 4.50 -12.39
CA HIS A 200 -0.20 4.72 -13.75
C HIS A 200 1.23 4.25 -13.99
N ASN A 201 1.84 3.61 -12.98
CA ASN A 201 3.16 3.02 -13.10
C ASN A 201 4.18 4.03 -13.61
N ARG A 202 4.14 5.24 -13.04
CA ARG A 202 4.99 6.30 -13.55
C ARG A 202 5.24 7.33 -12.47
N ILE A 203 6.15 8.24 -12.77
CA ILE A 203 6.53 9.31 -11.86
C ILE A 203 6.34 10.62 -12.59
N ILE A 204 5.49 11.48 -12.03
N ILE A 204 5.48 11.48 -12.04
CA ILE A 204 5.10 12.74 -12.66
CA ILE A 204 5.09 12.74 -12.67
C ILE A 204 5.80 13.87 -11.93
C ILE A 204 5.79 13.87 -11.93
N VAL A 205 6.48 14.73 -12.70
CA VAL A 205 7.20 15.87 -12.14
C VAL A 205 6.51 17.16 -12.57
N THR A 206 6.03 17.94 -11.60
CA THR A 206 5.45 19.25 -11.89
C THR A 206 6.15 20.33 -11.07
N ASP A 207 5.69 21.56 -11.27
CA ASP A 207 6.14 22.74 -10.54
C ASP A 207 5.18 22.96 -9.37
N LEU A 208 5.65 23.63 -8.33
CA LEU A 208 4.80 23.84 -7.16
C LEU A 208 3.43 24.45 -7.45
N GLU A 209 3.23 25.13 -8.59
CA GLU A 209 1.87 25.55 -8.96
C GLU A 209 1.03 24.43 -9.62
N GLY A 210 1.65 23.50 -10.31
CA GLY A 210 0.93 22.34 -10.84
C GLY A 210 1.22 22.00 -12.28
N ASN A 211 2.25 22.60 -12.84
CA ASN A 211 2.46 22.58 -14.27
C ASN A 211 3.40 21.44 -14.62
N PHE A 212 2.99 20.61 -15.57
CA PHE A 212 3.81 19.49 -16.00
C PHE A 212 5.21 19.96 -16.36
N ILE A 213 6.21 19.11 -16.07
CA ILE A 213 7.58 19.33 -16.50
C ILE A 213 8.02 18.11 -17.29
N VAL A 214 8.09 16.96 -16.62
CA VAL A 214 8.54 15.72 -17.26
C VAL A 214 7.86 14.53 -16.60
N GLN A 215 7.73 13.47 -17.39
CA GLN A 215 7.08 12.22 -17.00
C GLN A 215 8.09 11.09 -17.14
N ILE A 216 8.26 10.29 -16.08
CA ILE A 216 9.18 9.16 -16.08
C ILE A 216 8.38 7.88 -16.12
N GLY A 217 8.56 7.08 -17.18
CA GLY A 217 7.77 5.88 -17.40
C GLY A 217 6.51 6.10 -18.21
N SER A 218 6.65 6.34 -19.51
CA SER A 218 5.62 7.03 -20.30
C SER A 218 4.48 6.13 -20.74
N SER A 219 4.76 4.85 -20.96
CA SER A 219 3.72 3.95 -21.44
C SER A 219 2.69 3.63 -20.38
N GLY A 220 3.00 3.83 -19.09
CA GLY A 220 1.98 3.60 -18.09
C GLY A 220 1.65 2.15 -17.85
N GLU A 221 2.27 1.21 -18.58
CA GLU A 221 2.03 -0.19 -18.31
C GLU A 221 2.81 -0.64 -17.08
N GLU A 222 2.34 -1.73 -16.48
CA GLU A 222 3.09 -2.38 -15.42
C GLU A 222 4.27 -3.15 -16.01
N GLY A 223 5.46 -2.87 -15.52
CA GLY A 223 6.64 -3.50 -16.08
C GLY A 223 7.81 -3.22 -15.19
N PHE A 224 8.96 -3.71 -15.61
CA PHE A 224 10.19 -3.59 -14.82
C PHE A 224 11.30 -3.42 -15.85
N GLN A 225 11.64 -2.18 -16.14
CA GLN A 225 12.61 -1.87 -17.19
C GLN A 225 13.42 -0.68 -16.78
N ASP A 226 14.71 -0.78 -17.00
CA ASP A 226 15.61 0.37 -16.94
C ASP A 226 15.83 0.94 -18.34
N GLY A 227 16.22 2.22 -18.39
CA GLY A 227 16.56 2.86 -19.65
C GLY A 227 16.11 4.32 -19.71
N SER A 228 15.69 4.74 -20.89
CA SER A 228 15.26 6.13 -21.10
C SER A 228 13.94 6.40 -20.40
N PHE A 229 13.63 7.68 -20.24
CA PHE A 229 12.40 8.07 -19.57
C PHE A 229 11.17 7.54 -20.27
N GLU A 230 11.19 7.43 -21.59
CA GLU A 230 10.02 6.87 -22.25
C GLU A 230 9.97 5.35 -22.19
N ASP A 231 11.13 4.71 -22.21
CA ASP A 231 11.19 3.25 -22.22
C ASP A 231 11.08 2.63 -20.82
N ALA A 232 11.24 3.41 -19.75
CA ALA A 232 11.24 2.82 -18.42
C ALA A 232 9.84 2.32 -18.03
N ALA A 233 9.80 1.33 -17.14
CA ALA A 233 8.54 0.86 -16.59
C ALA A 233 8.73 0.60 -15.11
N PHE A 234 7.71 0.92 -14.33
CA PHE A 234 7.59 0.64 -12.92
C PHE A 234 6.38 -0.26 -12.73
N ASN A 235 6.12 -0.62 -11.48
CA ASN A 235 4.95 -1.46 -11.20
C ASN A 235 4.32 -0.96 -9.91
N ARG A 236 3.30 -0.10 -10.05
CA ARG A 236 2.56 0.46 -8.92
C ARG A 236 3.52 0.95 -7.83
N PRO A 237 4.44 1.85 -8.18
CA PRO A 237 5.45 2.29 -7.21
C PRO A 237 4.80 3.10 -6.10
N GLN A 238 5.58 3.30 -5.04
CA GLN A 238 5.06 4.05 -3.94
C GLN A 238 5.97 5.20 -3.52
N GLY A 239 6.97 4.97 -2.66
CA GLY A 239 7.67 6.08 -2.06
C GLY A 239 8.80 6.68 -2.90
N LEU A 240 9.08 7.94 -2.58
CA LEU A 240 10.07 8.72 -3.31
C LEU A 240 11.01 9.47 -2.37
N ALA A 241 12.22 9.72 -2.84
CA ALA A 241 13.13 10.52 -2.02
C ALA A 241 14.09 11.25 -2.95
N TYR A 242 14.38 12.50 -2.65
CA TYR A 242 15.12 13.34 -3.58
C TYR A 242 16.53 13.62 -3.07
N ASN A 243 17.50 13.40 -3.95
CA ASN A 243 18.93 13.63 -3.71
C ASN A 243 19.31 14.96 -4.35
N ALA A 244 19.26 16.04 -3.55
CA ALA A 244 19.66 17.36 -4.04
C ALA A 244 21.08 17.37 -4.60
N LYS A 245 22.01 16.76 -3.86
CA LYS A 245 23.42 16.82 -4.24
C LYS A 245 23.64 16.33 -5.67
N LYS A 246 22.93 15.28 -6.10
CA LYS A 246 23.21 14.69 -7.40
C LYS A 246 22.04 14.74 -8.38
N ASN A 247 20.91 15.33 -7.99
CA ASN A 247 19.74 15.45 -8.86
C ASN A 247 19.26 14.06 -9.30
N LEU A 248 18.76 13.34 -8.30
CA LEU A 248 18.29 11.98 -8.45
C LEU A 248 16.98 11.86 -7.70
N LEU A 249 16.10 11.00 -8.19
CA LEU A 249 14.91 10.62 -7.44
C LEU A 249 14.95 9.12 -7.21
N TYR A 250 14.88 8.73 -5.95
CA TYR A 250 14.83 7.33 -5.58
C TYR A 250 13.38 6.90 -5.47
N VAL A 251 13.07 5.73 -6.02
CA VAL A 251 11.70 5.25 -6.10
C VAL A 251 11.61 3.92 -5.40
N ALA A 252 10.79 3.85 -4.35
CA ALA A 252 10.34 2.55 -3.85
C ALA A 252 9.37 1.90 -4.84
N ASP A 253 9.88 1.04 -5.75
CA ASP A 253 9.07 0.43 -6.81
C ASP A 253 8.42 -0.86 -6.28
N THR A 254 7.36 -0.67 -5.50
CA THR A 254 6.87 -1.68 -4.57
C THR A 254 6.63 -3.05 -5.24
N GLU A 255 5.83 -3.12 -6.30
CA GLU A 255 5.45 -4.42 -6.83
C GLU A 255 6.54 -5.05 -7.70
N ASN A 256 7.62 -4.32 -7.98
CA ASN A 256 8.81 -4.91 -8.55
C ASN A 256 9.83 -5.24 -7.47
N HIS A 257 9.52 -4.96 -6.21
CA HIS A 257 10.43 -5.31 -5.12
C HIS A 257 11.83 -4.80 -5.41
N ALA A 258 11.91 -3.54 -5.85
CA ALA A 258 13.16 -2.95 -6.31
C ALA A 258 13.22 -1.49 -5.89
N LEU A 259 14.46 -0.99 -5.84
CA LEU A 259 14.76 0.41 -5.61
C LEU A 259 15.34 0.97 -6.91
N ARG A 260 14.65 1.96 -7.48
CA ARG A 260 15.04 2.56 -8.76
C ARG A 260 15.67 3.93 -8.55
N GLU A 261 16.56 4.29 -9.46
CA GLU A 261 17.18 5.62 -9.44
C GLU A 261 16.73 6.35 -10.70
N ILE A 262 15.88 7.37 -10.53
CA ILE A 262 15.57 8.26 -11.64
C ILE A 262 16.66 9.33 -11.72
N ASP A 263 17.38 9.35 -12.84
CA ASP A 263 18.57 10.19 -13.02
C ASP A 263 18.23 11.33 -13.98
N PHE A 264 17.97 12.51 -13.42
CA PHE A 264 17.54 13.65 -14.24
C PHE A 264 18.69 14.26 -15.03
N VAL A 265 19.90 14.21 -14.48
CA VAL A 265 21.03 14.75 -15.21
C VAL A 265 21.23 13.98 -16.51
N ASN A 266 21.06 12.66 -16.46
CA ASN A 266 21.27 11.83 -17.63
C ASN A 266 19.98 11.41 -18.32
N GLU A 267 18.82 11.77 -17.78
CA GLU A 267 17.53 11.35 -18.33
C GLU A 267 17.52 9.84 -18.60
N ARG A 268 17.71 9.07 -17.53
CA ARG A 268 17.64 7.62 -17.57
C ARG A 268 17.18 7.13 -16.22
N VAL A 269 16.76 5.87 -16.20
CA VAL A 269 16.31 5.23 -14.97
C VAL A 269 17.11 3.95 -14.82
N GLN A 270 17.64 3.74 -13.63
CA GLN A 270 18.45 2.56 -13.39
C GLN A 270 18.05 1.99 -12.04
N THR A 271 18.25 0.69 -11.89
CA THR A 271 17.83 -0.04 -10.69
C THR A 271 19.02 -0.26 -9.75
N LEU A 272 18.82 0.03 -8.47
CA LEU A 272 19.87 -0.02 -7.47
C LEU A 272 19.87 -1.30 -6.62
N ALA A 273 18.73 -1.94 -6.43
CA ALA A 273 18.62 -3.09 -5.54
C ALA A 273 17.26 -3.74 -5.80
N GLY A 274 17.16 -5.04 -5.50
CA GLY A 274 15.98 -5.81 -5.84
C GLY A 274 16.04 -6.29 -7.28
N ASN A 275 15.15 -7.24 -7.64
CA ASN A 275 15.21 -7.77 -9.00
C ASN A 275 13.87 -8.18 -9.59
N GLY A 276 12.76 -7.63 -9.12
CA GLY A 276 11.46 -8.06 -9.58
C GLY A 276 10.87 -9.22 -8.80
N THR A 277 11.65 -9.89 -7.96
CA THR A 277 11.19 -11.05 -7.23
C THR A 277 11.09 -10.70 -5.76
N LYS A 278 9.98 -11.08 -5.14
CA LYS A 278 9.83 -10.84 -3.71
C LYS A 278 10.85 -11.68 -2.96
N GLY A 279 11.82 -11.03 -2.34
CA GLY A 279 12.75 -11.76 -1.49
C GLY A 279 12.13 -12.27 -0.20
N SER A 280 12.88 -13.14 0.46
CA SER A 280 12.54 -13.52 1.82
C SER A 280 13.80 -13.51 2.67
N ASP A 281 14.66 -12.52 2.42
CA ASP A 281 15.97 -12.42 3.04
C ASP A 281 15.88 -11.38 4.14
N TYR A 282 16.20 -11.80 5.37
CA TYR A 282 16.04 -10.93 6.52
C TYR A 282 17.34 -10.31 7.01
N GLN A 283 18.50 -10.70 6.45
CA GLN A 283 19.79 -10.08 6.77
C GLN A 283 20.28 -9.18 5.65
N GLY A 284 20.31 -9.67 4.43
CA GLY A 284 20.73 -8.80 3.36
C GLY A 284 22.24 -8.71 3.31
N GLY A 285 22.72 -7.64 2.69
CA GLY A 285 24.12 -7.37 2.61
C GLY A 285 24.74 -7.60 1.26
N ARG A 286 23.98 -8.04 0.27
CA ARG A 286 24.55 -8.28 -1.05
C ARG A 286 24.62 -6.95 -1.84
N LYS A 287 25.28 -6.98 -3.00
CA LYS A 287 25.61 -5.74 -3.72
C LYS A 287 24.61 -5.51 -4.85
N GLY A 288 24.12 -4.28 -4.92
CA GLY A 288 23.27 -3.86 -6.02
C GLY A 288 22.07 -4.78 -6.15
N THR A 289 21.74 -5.15 -7.40
CA THR A 289 20.55 -5.94 -7.66
C THR A 289 20.73 -7.41 -7.32
N LYS A 290 21.90 -7.83 -6.84
CA LYS A 290 21.97 -9.19 -6.27
C LYS A 290 21.15 -9.30 -5.01
N GLN A 291 20.78 -8.16 -4.40
CA GLN A 291 20.06 -8.13 -3.14
C GLN A 291 18.55 -8.02 -3.37
N LEU A 292 17.79 -8.97 -2.83
CA LEU A 292 16.34 -8.97 -3.02
C LEU A 292 15.65 -8.07 -2.01
N LEU A 293 14.59 -7.39 -2.44
CA LEU A 293 13.78 -6.63 -1.50
C LEU A 293 12.41 -7.30 -1.38
N ASN A 294 11.51 -6.68 -0.61
CA ASN A 294 10.20 -7.28 -0.35
C ASN A 294 9.24 -6.14 -0.03
N SER A 295 8.49 -5.72 -1.06
CA SER A 295 7.49 -4.65 -0.96
C SER A 295 8.05 -3.38 -0.32
N PRO A 296 9.11 -2.79 -0.88
CA PRO A 296 9.55 -1.49 -0.40
C PRO A 296 8.44 -0.48 -0.63
N TRP A 297 7.99 0.13 0.45
CA TRP A 297 6.86 1.04 0.37
C TRP A 297 7.26 2.51 0.51
N ASP A 298 8.10 2.88 1.45
CA ASP A 298 8.53 4.26 1.49
C ASP A 298 10.04 4.31 1.54
N VAL A 299 10.58 5.38 1.00
CA VAL A 299 12.02 5.54 0.96
C VAL A 299 12.37 7.00 1.32
N CYS A 300 13.43 7.20 2.12
CA CYS A 300 13.91 8.55 2.40
C CYS A 300 15.43 8.60 2.38
N PHE A 301 15.96 9.80 2.14
CA PHE A 301 17.38 9.98 1.86
C PHE A 301 18.06 10.79 2.96
N GLU A 302 19.24 10.30 3.36
CA GLU A 302 20.10 10.93 4.36
C GLU A 302 21.38 11.39 3.67
N PRO A 303 21.59 12.70 3.47
CA PRO A 303 22.63 13.13 2.53
C PRO A 303 24.02 13.19 3.10
N VAL A 304 24.18 13.24 4.43
CA VAL A 304 25.52 13.26 5.02
C VAL A 304 26.24 11.95 4.71
N ASN A 305 25.76 10.85 5.30
CA ASN A 305 26.38 9.57 4.99
C ASN A 305 25.92 8.99 3.66
N GLU A 306 24.98 9.64 2.97
CA GLU A 306 24.49 9.18 1.68
C GLU A 306 23.90 7.77 1.80
N LYS A 307 22.86 7.69 2.61
CA LYS A 307 22.14 6.46 2.90
C LYS A 307 20.68 6.61 2.54
N VAL A 308 20.13 5.60 1.89
CA VAL A 308 18.72 5.53 1.60
C VAL A 308 18.07 4.56 2.57
N TYR A 309 17.15 5.04 3.40
CA TYR A 309 16.41 4.21 4.32
C TYR A 309 15.10 3.77 3.69
N ILE A 310 14.80 2.47 3.74
CA ILE A 310 13.66 1.88 3.06
C ILE A 310 12.72 1.32 4.11
N ALA A 311 11.46 1.69 4.04
CA ALA A 311 10.46 0.99 4.86
C ALA A 311 10.02 -0.30 4.14
N MET A 312 10.53 -1.43 4.62
CA MET A 312 10.29 -2.73 4.00
C MET A 312 9.00 -3.31 4.56
N ALA A 313 7.89 -2.86 3.97
CA ALA A 313 6.56 -3.27 4.39
C ALA A 313 6.37 -4.78 4.30
N GLY A 314 7.07 -5.45 3.39
CA GLY A 314 6.87 -6.90 3.25
C GLY A 314 7.38 -7.71 4.43
N GLN A 315 8.48 -7.28 5.05
CA GLN A 315 9.13 -8.03 6.13
C GLN A 315 9.20 -7.26 7.45
N HIS A 316 8.49 -6.13 7.57
CA HIS A 316 8.34 -5.44 8.83
C HIS A 316 9.69 -4.95 9.35
N GLN A 317 10.43 -4.30 8.46
CA GLN A 317 11.81 -3.91 8.69
C GLN A 317 12.08 -2.57 8.03
N ILE A 318 13.12 -1.90 8.52
CA ILE A 318 13.72 -0.75 7.87
C ILE A 318 15.05 -1.22 7.32
N TRP A 319 15.31 -0.93 6.06
CA TRP A 319 16.57 -1.30 5.45
C TRP A 319 17.33 -0.04 5.05
N GLU A 320 18.56 -0.27 4.63
CA GLU A 320 19.52 0.81 4.41
C GLU A 320 20.26 0.47 3.13
N TYR A 321 20.03 1.26 2.10
CA TYR A 321 20.85 1.19 0.90
C TYR A 321 21.99 2.19 1.03
N SER A 322 23.19 1.78 0.67
CA SER A 322 24.36 2.64 0.82
C SER A 322 24.82 3.09 -0.56
N VAL A 323 24.77 4.40 -0.81
CA VAL A 323 25.14 4.92 -2.12
C VAL A 323 26.61 4.61 -2.45
N LEU A 324 27.49 4.59 -1.44
CA LEU A 324 28.91 4.46 -1.69
C LEU A 324 29.24 3.10 -2.27
N ASP A 325 28.70 2.03 -1.69
CA ASP A 325 29.09 0.68 -2.07
C ASP A 325 27.94 -0.13 -2.64
N GLY A 326 26.74 0.44 -2.76
CA GLY A 326 25.68 -0.26 -3.43
C GLY A 326 25.15 -1.45 -2.66
N ILE A 327 25.34 -1.48 -1.35
CA ILE A 327 24.90 -2.62 -0.54
C ILE A 327 23.62 -2.22 0.17
N THR A 328 22.69 -3.17 0.30
CA THR A 328 21.45 -2.96 1.03
C THR A 328 21.37 -4.00 2.14
N ARG A 329 21.31 -3.53 3.38
CA ARG A 329 21.32 -4.31 4.59
C ARG A 329 20.03 -4.06 5.35
N VAL A 330 19.62 -5.03 6.17
CA VAL A 330 18.67 -4.69 7.21
C VAL A 330 19.28 -3.62 8.10
N PHE A 331 18.45 -2.70 8.56
CA PHE A 331 18.87 -1.71 9.52
C PHE A 331 18.18 -1.87 10.86
N SER A 332 16.92 -2.27 10.85
CA SER A 332 16.23 -2.44 12.12
C SER A 332 15.00 -3.29 11.87
N GLY A 333 14.67 -4.12 12.85
CA GLY A 333 13.52 -4.97 12.70
C GLY A 333 13.96 -6.39 12.54
N ASN A 334 13.55 -7.25 13.47
CA ASN A 334 14.02 -8.62 13.50
C ASN A 334 13.26 -9.52 12.53
N GLY A 335 12.11 -9.07 12.03
CA GLY A 335 11.34 -9.84 11.06
C GLY A 335 9.93 -10.12 11.50
N TYR A 336 9.68 -10.16 12.80
CA TYR A 336 8.32 -10.42 13.26
C TYR A 336 7.45 -9.18 13.14
N GLU A 337 6.15 -9.40 12.93
CA GLU A 337 5.21 -8.29 12.83
C GLU A 337 4.76 -7.96 14.24
N ARG A 338 5.41 -6.97 14.87
CA ARG A 338 5.14 -6.59 16.24
C ARG A 338 5.29 -5.07 16.40
N ASN A 339 4.59 -4.51 17.38
CA ASN A 339 4.87 -3.12 17.76
C ASN A 339 5.87 -3.14 18.91
N LEU A 340 7.12 -3.51 18.59
CA LEU A 340 8.14 -3.80 19.60
C LEU A 340 9.26 -2.78 19.53
N ASN A 341 9.31 -1.88 20.51
CA ASN A 341 10.36 -0.88 20.53
C ASN A 341 11.53 -1.36 21.37
N GLY A 342 12.73 -1.30 20.79
CA GLY A 342 13.89 -1.83 21.45
C GLY A 342 15.13 -1.02 21.16
N SER A 343 16.12 -1.23 22.02
CA SER A 343 17.38 -0.53 21.95
C SER A 343 18.18 -0.89 20.70
N THR A 344 18.17 -2.16 20.31
CA THR A 344 18.98 -2.69 19.22
C THR A 344 18.13 -3.19 18.04
N PRO A 345 18.62 -3.04 16.79
CA PRO A 345 17.89 -3.56 15.62
C PRO A 345 17.22 -4.91 15.80
N GLN A 346 17.96 -5.87 16.36
CA GLN A 346 17.48 -7.22 16.53
C GLN A 346 16.42 -7.34 17.60
N THR A 347 16.28 -6.31 18.45
CA THR A 347 15.28 -6.32 19.50
C THR A 347 14.17 -5.31 19.20
N THR A 348 13.91 -5.09 17.92
CA THR A 348 12.99 -4.10 17.42
C THR A 348 12.13 -4.79 16.36
N SER A 349 10.90 -4.31 16.16
CA SER A 349 9.98 -4.95 15.26
C SER A 349 9.03 -3.90 14.73
N PHE A 350 8.60 -4.07 13.50
CA PHE A 350 7.62 -3.14 12.95
C PHE A 350 6.37 -3.90 12.50
N ALA A 351 5.37 -3.14 12.08
CA ALA A 351 4.12 -3.74 11.61
C ALA A 351 3.79 -3.09 10.25
N GLN A 352 4.23 -3.71 9.17
CA GLN A 352 3.98 -3.23 7.81
C GLN A 352 4.27 -1.72 7.72
N PRO A 353 5.48 -1.29 8.07
CA PRO A 353 5.81 0.14 7.95
C PRO A 353 5.72 0.59 6.50
N SER A 354 5.11 1.75 6.28
CA SER A 354 4.84 2.21 4.94
C SER A 354 5.24 3.65 4.76
N GLY A 355 5.67 4.32 5.81
CA GLY A 355 6.12 5.67 5.65
C GLY A 355 7.36 5.91 6.46
N ILE A 356 8.31 6.62 5.90
CA ILE A 356 9.53 6.94 6.61
C ILE A 356 9.91 8.38 6.29
N SER A 357 10.33 9.13 7.32
CA SER A 357 10.78 10.51 7.16
C SER A 357 11.87 10.88 8.16
N LEU A 358 12.89 11.60 7.68
CA LEU A 358 14.00 12.04 8.54
C LEU A 358 13.70 13.35 9.27
N GLY A 359 14.06 13.39 10.55
CA GLY A 359 13.97 14.59 11.36
C GLY A 359 15.01 15.63 10.94
N PRO A 360 14.90 16.84 11.47
CA PRO A 360 15.82 17.91 11.03
C PRO A 360 17.23 17.68 11.52
N ASP A 361 17.35 17.10 12.72
CA ASP A 361 18.60 16.63 13.30
C ASP A 361 19.33 15.58 12.43
N LEU A 362 18.62 14.86 11.55
CA LEU A 362 19.17 13.72 10.79
C LEU A 362 19.60 12.57 11.69
N LYS A 363 19.02 12.45 12.86
CA LYS A 363 19.45 11.44 13.82
C LYS A 363 18.33 10.48 14.17
N GLU A 364 17.09 10.82 13.85
CA GLU A 364 15.96 9.91 14.00
C GLU A 364 15.23 9.79 12.66
N ALA A 365 14.39 8.77 12.56
CA ALA A 365 13.51 8.63 11.41
C ALA A 365 12.13 8.23 11.90
N TYR A 366 11.12 8.96 11.48
CA TYR A 366 9.77 8.69 11.97
C TYR A 366 9.06 7.82 10.95
N ILE A 367 8.29 6.85 11.47
CA ILE A 367 7.80 5.68 10.73
C ILE A 367 6.30 5.59 10.86
N ALA A 368 5.61 5.55 9.73
CA ALA A 368 4.19 5.20 9.73
C ALA A 368 4.09 3.66 9.80
N ASP A 369 3.73 3.16 10.99
CA ASP A 369 3.72 1.72 11.27
C ASP A 369 2.29 1.25 11.11
N SER A 370 1.91 1.07 9.84
CA SER A 370 0.51 1.05 9.46
C SER A 370 -0.28 -0.06 10.17
N GLU A 371 0.35 -1.19 10.46
CA GLU A 371 -0.44 -2.30 10.98
C GLU A 371 -0.54 -2.32 12.50
N SER A 372 0.34 -1.59 13.20
CA SER A 372 0.15 -1.31 14.62
C SER A 372 -0.54 0.04 14.83
N SER A 373 -0.80 0.78 13.76
CA SER A 373 -1.53 2.05 13.81
C SER A 373 -0.82 3.02 14.76
N SER A 374 0.48 3.18 14.54
CA SER A 374 1.27 3.98 15.44
C SER A 374 2.33 4.72 14.66
N ILE A 375 2.76 5.85 15.21
CA ILE A 375 3.93 6.58 14.72
C ILE A 375 5.09 6.29 15.64
N ARG A 376 6.23 6.00 15.06
CA ARG A 376 7.38 5.54 15.82
C ARG A 376 8.60 6.34 15.38
N ALA A 377 9.64 6.36 16.22
CA ALA A 377 10.87 7.08 15.91
C ALA A 377 12.05 6.09 15.88
N LEU A 378 12.65 5.91 14.71
CA LEU A 378 13.79 5.03 14.54
C LEU A 378 15.06 5.83 14.81
N ASP A 379 15.89 5.32 15.71
CA ASP A 379 17.13 5.98 16.09
C ASP A 379 18.23 5.53 15.13
N LEU A 380 18.67 6.46 14.29
CA LEU A 380 19.71 6.19 13.31
C LEU A 380 21.03 5.77 13.93
N GLN A 381 21.33 6.23 15.15
CA GLN A 381 22.56 5.74 15.77
C GLN A 381 22.44 4.30 16.25
N THR A 382 21.34 3.94 16.92
CA THR A 382 21.30 2.61 17.55
C THR A 382 20.47 1.57 16.82
N GLY A 383 19.85 1.89 15.70
CA GLY A 383 18.89 0.97 15.11
C GLY A 383 17.69 0.61 15.98
N GLY A 384 17.51 1.26 17.12
CA GLY A 384 16.36 1.03 17.96
C GLY A 384 15.25 2.04 17.69
N SER A 385 14.12 1.85 18.37
CA SER A 385 12.95 2.69 18.12
C SER A 385 12.21 2.97 19.40
N ARG A 386 11.47 4.08 19.39
CA ARG A 386 10.58 4.45 20.49
C ARG A 386 9.18 4.75 19.94
N LEU A 387 8.17 4.62 20.81
CA LEU A 387 6.79 4.85 20.41
C LEU A 387 6.39 6.30 20.65
N LEU A 388 5.89 6.96 19.61
CA LEU A 388 5.40 8.32 19.79
C LEU A 388 3.90 8.33 20.11
N ALA A 389 3.09 7.63 19.31
CA ALA A 389 1.65 7.76 19.41
C ALA A 389 1.00 6.50 18.87
N GLY A 390 -0.14 6.13 19.46
CA GLY A 390 -0.86 4.96 19.00
C GLY A 390 -0.22 3.67 19.47
N GLY A 391 -0.76 2.56 18.98
CA GLY A 391 -0.25 1.25 19.34
C GLY A 391 -0.75 0.87 20.71
N ASP A 392 -0.53 -0.41 21.08
CA ASP A 392 -0.74 -0.82 22.47
C ASP A 392 0.62 -0.93 23.15
N PRO A 393 1.04 0.06 23.93
CA PRO A 393 2.40 0.03 24.50
C PRO A 393 2.62 -1.06 25.53
N TYR A 394 1.60 -1.76 25.97
CA TYR A 394 1.88 -2.88 26.84
C TYR A 394 1.99 -4.19 26.06
N PHE A 395 1.40 -4.29 24.86
CA PHE A 395 1.42 -5.56 24.11
C PHE A 395 1.94 -5.31 22.71
N SER A 396 3.18 -5.76 22.45
CA SER A 396 3.75 -5.61 21.12
C SER A 396 3.04 -6.49 20.12
N GLU A 397 2.56 -7.64 20.58
CA GLU A 397 1.78 -8.57 19.76
C GLU A 397 0.46 -7.96 19.30
N ASN A 398 -0.12 -7.06 20.11
CA ASN A 398 -1.41 -6.47 19.77
C ASN A 398 -1.29 -5.53 18.57
N LEU A 399 -2.04 -5.83 17.52
CA LEU A 399 -2.02 -5.04 16.29
C LEU A 399 -3.42 -4.57 15.94
N PHE A 400 -4.28 -4.56 16.96
CA PHE A 400 -5.68 -4.23 16.80
C PHE A 400 -6.07 -3.01 17.62
N LYS A 401 -5.13 -2.26 18.17
CA LYS A 401 -5.49 -1.08 18.95
C LYS A 401 -5.50 0.07 17.95
N PHE A 402 -6.68 0.30 17.38
CA PHE A 402 -6.88 1.37 16.41
C PHE A 402 -8.19 2.08 16.70
N GLY A 403 -8.30 3.29 16.18
CA GLY A 403 -9.50 4.06 16.26
C GLY A 403 -9.29 5.45 15.67
N ASP A 404 -9.99 6.44 16.22
CA ASP A 404 -9.81 7.82 15.79
C ASP A 404 -9.94 8.72 17.01
N ASN A 405 -8.85 9.37 17.38
CA ASN A 405 -8.82 10.09 18.64
C ASN A 405 -7.54 10.88 18.80
N ASP A 406 -7.68 12.15 19.15
CA ASP A 406 -6.53 13.01 19.36
C ASP A 406 -6.16 13.06 20.83
N GLY A 407 -4.96 13.59 21.09
CA GLY A 407 -4.51 13.75 22.45
C GLY A 407 -3.05 13.40 22.69
N VAL A 408 -2.81 12.59 23.72
CA VAL A 408 -1.46 12.30 24.19
C VAL A 408 -1.43 10.88 24.76
N GLY A 409 -0.40 10.12 24.35
CA GLY A 409 -0.17 8.81 24.96
C GLY A 409 -1.27 7.83 24.63
N ALA A 410 -1.72 7.10 25.67
CA ALA A 410 -2.76 6.10 25.44
C ALA A 410 -4.06 6.71 24.94
N GLU A 411 -4.25 8.01 25.11
CA GLU A 411 -5.48 8.59 24.59
C GLU A 411 -5.54 8.55 23.08
N VAL A 412 -4.41 8.45 22.40
CA VAL A 412 -4.43 8.59 20.95
C VAL A 412 -4.89 7.30 20.29
N LEU A 413 -5.71 7.45 19.25
CA LEU A 413 -6.09 6.33 18.40
C LEU A 413 -5.90 6.72 16.94
N LEU A 414 -5.26 5.84 16.17
CA LEU A 414 -5.09 6.01 14.73
C LEU A 414 -5.65 4.80 14.02
N GLN A 415 -5.61 4.84 12.67
CA GLN A 415 -6.07 3.67 11.92
C GLN A 415 -5.26 3.57 10.63
N HIS A 416 -4.31 2.63 10.59
CA HIS A 416 -3.49 2.34 9.42
C HIS A 416 -2.85 3.57 8.76
N PRO A 417 -2.11 4.38 9.52
CA PRO A 417 -1.42 5.51 8.88
C PRO A 417 -0.43 5.01 7.83
N LEU A 418 -0.48 5.60 6.64
CA LEU A 418 0.42 5.23 5.56
C LEU A 418 1.53 6.24 5.34
N GLY A 419 1.36 7.47 5.79
CA GLY A 419 2.24 8.52 5.32
C GLY A 419 2.68 9.44 6.43
N VAL A 420 3.95 9.84 6.38
CA VAL A 420 4.54 10.64 7.44
C VAL A 420 5.57 11.57 6.85
N LEU A 421 5.71 12.74 7.48
CA LEU A 421 6.63 13.77 7.02
C LEU A 421 7.13 14.51 8.25
N CYS A 422 8.39 14.93 8.21
CA CYS A 422 8.97 15.71 9.28
C CYS A 422 9.42 17.03 8.69
N ALA A 423 8.82 18.13 9.18
CA ALA A 423 9.14 19.47 8.71
C ALA A 423 10.47 19.92 9.28
N ASN A 424 11.10 20.91 8.62
CA ASN A 424 12.36 21.41 9.16
C ASN A 424 12.20 22.07 10.53
N ASP A 425 11.00 22.53 10.86
CA ASP A 425 10.73 22.94 12.23
C ASP A 425 10.62 21.73 13.18
N GLY A 426 10.74 20.50 12.68
CA GLY A 426 10.73 19.33 13.54
C GLY A 426 9.37 18.87 14.01
N GLN A 427 8.29 19.45 13.51
CA GLN A 427 7.00 18.84 13.76
C GLN A 427 6.67 17.76 12.73
N ILE A 428 5.81 16.85 13.14
CA ILE A 428 5.57 15.61 12.40
C ILE A 428 4.14 15.63 11.86
N TYR A 429 4.02 15.50 10.54
CA TYR A 429 2.72 15.45 9.85
C TYR A 429 2.47 14.04 9.32
N LEU A 430 1.28 13.55 9.53
CA LEU A 430 0.89 12.24 9.09
C LEU A 430 -0.45 12.20 8.39
N THR A 431 -0.70 11.16 7.64
CA THR A 431 -1.96 10.95 7.01
C THR A 431 -2.49 9.79 7.78
N ASP A 432 -3.55 9.99 8.55
CA ASP A 432 -4.20 8.90 9.26
C ASP A 432 -5.08 8.40 8.12
N SER A 433 -4.56 7.41 7.40
CA SER A 433 -5.24 6.94 6.17
C SER A 433 -6.67 6.39 6.21
N TYR A 434 -7.01 5.58 7.20
CA TYR A 434 -8.29 5.00 7.27
C TYR A 434 -9.21 5.91 7.99
N ASN A 435 -8.73 7.04 8.45
CA ASN A 435 -9.55 8.06 9.09
C ASN A 435 -9.70 9.27 8.18
N HIS A 436 -9.06 9.23 7.01
CA HIS A 436 -9.23 10.28 6.01
C HIS A 436 -9.01 11.64 6.64
N LYS A 437 -7.88 11.77 7.33
CA LYS A 437 -7.48 12.97 8.06
C LYS A 437 -6.01 13.24 7.93
N ILE A 438 -5.65 14.48 7.95
CA ILE A 438 -4.28 14.86 8.27
C ILE A 438 -4.18 15.12 9.76
N LYS A 439 -3.13 14.63 10.37
CA LYS A 439 -2.96 14.87 11.78
C LYS A 439 -1.53 15.34 12.01
N LYS A 440 -1.38 16.18 13.03
CA LYS A 440 -0.08 16.73 13.41
C LYS A 440 0.33 16.11 14.74
N LEU A 441 1.60 15.72 14.82
CA LEU A 441 2.22 15.19 16.04
C LEU A 441 3.37 16.11 16.44
N ASP A 442 3.44 16.39 17.75
CA ASP A 442 4.61 17.11 18.23
C ASP A 442 5.55 16.11 18.88
N PRO A 443 6.81 16.05 18.44
CA PRO A 443 7.71 15.02 18.98
C PRO A 443 8.00 15.18 20.46
N VAL A 444 8.16 16.41 20.93
CA VAL A 444 8.41 16.63 22.36
C VAL A 444 7.16 16.27 23.17
N THR A 445 6.05 16.99 22.95
CA THR A 445 4.89 16.75 23.82
C THR A 445 4.25 15.42 23.53
N LYS A 446 4.43 14.90 22.31
CA LYS A 446 3.71 13.73 21.79
C LYS A 446 2.20 13.98 21.69
N ARG A 447 1.81 15.22 21.43
CA ARG A 447 0.40 15.52 21.28
C ARG A 447 0.06 15.46 19.81
N VAL A 448 -1.05 14.78 19.50
CA VAL A 448 -1.55 14.63 18.13
C VAL A 448 -2.86 15.38 18.02
N VAL A 449 -2.96 16.22 17.00
CA VAL A 449 -4.18 16.96 16.72
C VAL A 449 -4.63 16.70 15.29
N THR A 450 -5.96 16.63 15.09
CA THR A 450 -6.50 16.58 13.74
C THR A 450 -6.35 17.91 13.03
N LEU A 451 -5.74 17.90 11.87
CA LEU A 451 -5.53 19.13 11.15
C LEU A 451 -6.42 19.28 9.92
N ALA A 452 -7.03 18.21 9.42
CA ALA A 452 -7.84 18.29 8.20
C ALA A 452 -8.71 17.05 8.07
N GLY A 453 -9.85 17.22 7.42
CA GLY A 453 -10.77 16.14 7.19
C GLY A 453 -11.67 15.75 8.35
N THR A 454 -12.85 15.21 8.03
CA THR A 454 -13.92 14.92 8.97
C THR A 454 -14.00 13.46 9.41
N GLY A 455 -13.09 12.60 8.96
CA GLY A 455 -13.19 11.18 9.29
C GLY A 455 -14.05 10.36 8.35
N LYS A 456 -14.57 11.00 7.29
CA LYS A 456 -15.55 10.40 6.40
C LYS A 456 -15.00 10.44 4.98
N ALA A 457 -14.75 9.25 4.42
CA ALA A 457 -14.12 9.18 3.10
C ALA A 457 -14.97 9.94 2.10
N GLY A 458 -14.33 10.82 1.34
CA GLY A 458 -15.04 11.62 0.34
C GLY A 458 -14.13 12.69 -0.21
N PHE A 459 -14.74 13.69 -0.84
CA PHE A 459 -14.04 14.86 -1.35
C PHE A 459 -14.82 16.11 -1.03
N LYS A 460 -14.11 17.12 -0.52
CA LYS A 460 -14.61 18.48 -0.34
C LYS A 460 -13.43 19.37 -0.03
N ASP A 461 -13.43 20.54 -0.65
CA ASP A 461 -12.31 21.48 -0.59
C ASP A 461 -12.55 22.59 0.42
N GLY A 462 -13.33 22.35 1.47
CA GLY A 462 -13.73 23.42 2.38
C GLY A 462 -12.70 23.89 3.38
N LYS A 463 -13.19 24.59 4.39
CA LYS A 463 -12.35 24.91 5.52
C LYS A 463 -11.95 23.62 6.21
N VAL A 464 -10.65 23.47 6.45
CA VAL A 464 -10.04 22.18 6.79
C VAL A 464 -10.87 21.34 7.75
N LYS A 465 -11.49 21.94 8.75
CA LYS A 465 -12.16 21.11 9.77
C LYS A 465 -13.40 20.38 9.24
N GLY A 466 -14.01 20.88 8.16
CA GLY A 466 -15.14 20.19 7.57
C GLY A 466 -14.89 19.66 6.18
N ALA A 467 -13.66 19.70 5.69
CA ALA A 467 -13.31 19.23 4.35
C ALA A 467 -13.17 17.71 4.32
N GLN A 468 -12.84 17.15 3.16
CA GLN A 468 -12.83 15.70 3.06
C GLN A 468 -11.70 15.16 2.18
N LEU A 469 -11.22 14.00 2.60
CA LEU A 469 -10.16 13.26 1.94
C LEU A 469 -10.58 11.81 1.83
N SER A 470 -9.97 11.09 0.89
CA SER A 470 -10.21 9.65 0.74
C SER A 470 -8.90 8.88 0.81
N GLU A 471 -8.67 8.19 1.94
CA GLU A 471 -7.49 7.38 2.20
C GLU A 471 -6.18 8.06 1.76
N PRO A 472 -5.84 9.21 2.32
CA PRO A 472 -4.59 9.87 1.95
C PRO A 472 -3.39 9.08 2.45
N ALA A 473 -2.33 9.09 1.64
CA ALA A 473 -1.14 8.33 1.99
C ALA A 473 0.20 9.02 1.80
N GLY A 474 0.28 10.23 1.25
CA GLY A 474 1.57 10.83 0.97
C GLY A 474 1.64 12.29 1.37
N LEU A 475 2.85 12.78 1.60
CA LEU A 475 3.05 14.15 2.03
C LEU A 475 4.38 14.71 1.54
N ALA A 476 4.38 16.03 1.31
CA ALA A 476 5.57 16.84 1.03
C ALA A 476 5.28 18.27 1.49
N ILE A 477 6.34 19.05 1.71
CA ILE A 477 6.16 20.37 2.34
C ILE A 477 7.21 21.35 1.81
N THR A 478 6.82 22.62 1.72
CA THR A 478 7.70 23.75 1.43
C THR A 478 8.12 24.43 2.73
N GLU A 479 9.14 25.30 2.64
CA GLU A 479 9.47 26.14 3.80
C GLU A 479 8.43 27.22 4.01
N ASN A 480 7.79 27.70 2.92
CA ASN A 480 6.68 28.64 3.06
C ASN A 480 5.57 28.06 3.91
N GLY A 481 5.48 26.72 3.98
CA GLY A 481 4.51 26.05 4.81
C GLY A 481 3.34 25.45 4.07
N ARG A 482 3.43 25.33 2.74
CA ARG A 482 2.40 24.63 2.00
C ARG A 482 2.67 23.13 2.11
N LEU A 483 1.68 22.41 2.61
CA LEU A 483 1.73 20.97 2.82
C LEU A 483 0.90 20.28 1.73
N PHE A 484 1.57 19.68 0.74
CA PHE A 484 0.90 18.86 -0.27
C PHE A 484 0.52 17.48 0.26
N VAL A 485 -0.71 17.06 -0.03
CA VAL A 485 -1.21 15.75 0.34
C VAL A 485 -1.48 14.95 -0.93
N ALA A 486 -1.17 13.64 -0.89
CA ALA A 486 -1.56 12.72 -1.94
C ALA A 486 -2.83 12.05 -1.47
N ASP A 487 -3.96 12.53 -2.00
CA ASP A 487 -5.29 12.10 -1.59
C ASP A 487 -5.63 10.95 -2.52
N THR A 488 -5.38 9.72 -2.03
CA THR A 488 -5.14 8.57 -2.91
C THR A 488 -6.40 8.12 -3.64
N ASN A 489 -7.44 7.70 -2.90
CA ASN A 489 -8.70 7.29 -3.49
C ASN A 489 -9.46 8.41 -4.18
N ASN A 490 -9.01 9.66 -4.05
CA ASN A 490 -9.57 10.72 -4.86
C ASN A 490 -8.67 11.04 -6.03
N SER A 491 -7.57 10.31 -6.17
CA SER A 491 -6.63 10.53 -7.26
C SER A 491 -6.36 12.02 -7.45
N LEU A 492 -6.05 12.70 -6.35
CA LEU A 492 -5.85 14.15 -6.35
C LEU A 492 -4.70 14.54 -5.43
N ILE A 493 -3.99 15.59 -5.84
CA ILE A 493 -2.96 16.22 -4.98
C ILE A 493 -3.59 17.45 -4.31
N ARG A 494 -3.94 17.33 -3.02
CA ARG A 494 -4.42 18.48 -2.28
C ARG A 494 -3.25 19.31 -1.75
N TYR A 495 -3.55 20.41 -1.03
CA TYR A 495 -2.54 21.18 -0.32
C TYR A 495 -3.20 22.09 0.69
N ILE A 496 -2.47 22.35 1.76
CA ILE A 496 -2.93 23.23 2.82
C ILE A 496 -1.85 24.26 3.02
N ASP A 497 -2.20 25.54 2.94
CA ASP A 497 -1.26 26.59 3.31
C ASP A 497 -1.33 26.72 4.83
N LEU A 498 -0.26 26.32 5.50
CA LEU A 498 -0.33 26.12 6.94
C LEU A 498 -0.22 27.41 7.74
N ASN A 499 0.24 28.48 7.10
CA ASN A 499 0.37 29.75 7.79
C ASN A 499 -0.95 30.17 8.41
N LYS A 500 -2.03 30.05 7.66
CA LYS A 500 -3.32 30.61 8.02
C LYS A 500 -3.97 29.98 9.27
N GLY A 501 -3.37 28.97 9.89
CA GLY A 501 -3.92 28.40 11.11
C GLY A 501 -5.41 28.07 11.12
N GLU A 502 -6.16 28.63 12.07
CA GLU A 502 -7.59 28.31 12.22
C GLU A 502 -8.44 28.88 11.09
N ASP A 503 -7.86 29.79 10.29
CA ASP A 503 -8.47 30.33 9.09
C ASP A 503 -8.27 29.43 7.87
N SER A 504 -7.44 28.39 7.99
CA SER A 504 -6.86 27.75 6.82
C SER A 504 -7.78 26.70 6.21
N GLU A 505 -7.52 26.40 4.94
CA GLU A 505 -8.39 25.56 4.12
C GLU A 505 -7.55 24.67 3.20
N ILE A 506 -8.07 23.47 2.97
CA ILE A 506 -7.48 22.52 2.05
C ILE A 506 -8.02 22.77 0.64
N LEU A 507 -7.13 22.77 -0.34
CA LEU A 507 -7.46 23.10 -1.73
C LEU A 507 -7.12 21.89 -2.61
N THR A 508 -7.40 21.98 -3.91
CA THR A 508 -6.91 21.00 -4.85
C THR A 508 -5.90 21.63 -5.78
N LEU A 509 -4.81 20.92 -6.04
CA LEU A 509 -3.75 21.39 -6.91
C LEU A 509 -4.06 20.97 -8.35
N GLU A 510 -4.37 21.93 -9.18
CA GLU A 510 -4.83 21.62 -10.52
C GLU A 510 -3.61 21.37 -11.38
N LEU A 511 -3.60 20.25 -12.10
CA LEU A 511 -2.42 19.90 -12.86
C LEU A 511 -2.59 20.31 -14.32
N LYS A 512 -1.63 21.07 -14.82
CA LYS A 512 -1.68 21.64 -16.14
C LYS A 512 -0.68 20.93 -17.04
N GLY A 513 -1.17 20.19 -18.03
CA GLY A 513 -0.34 19.51 -18.99
C GLY A 513 -0.11 18.04 -18.68
N VAL A 514 -0.66 17.56 -17.58
CA VAL A 514 -0.47 16.19 -17.12
C VAL A 514 -1.53 15.32 -17.77
N GLN A 515 -1.18 14.55 -18.77
CA GLN A 515 -2.27 13.72 -19.28
C GLN A 515 -2.05 12.26 -18.93
N PRO A 516 -3.10 11.46 -18.92
CA PRO A 516 -2.93 10.05 -18.57
C PRO A 516 -2.09 9.36 -19.60
N PRO A 517 -1.63 8.15 -19.28
CA PRO A 517 -0.80 7.36 -20.19
C PRO A 517 -1.57 6.94 -21.44
N THR A 518 -0.94 7.11 -22.60
CA THR A 518 -1.58 6.75 -23.87
C THR A 518 -2.06 5.30 -23.85
N PRO A 519 -3.27 5.08 -24.34
CA PRO A 519 -3.85 3.74 -24.39
C PRO A 519 -3.89 3.18 -25.81
CL CL B . -0.56 -2.65 -5.22
CL CL C . 25.84 -14.44 2.48
NA NA D . 17.70 -6.79 -12.21
NA NA E . 8.30 8.91 -0.47
NA NA F . 9.89 -14.55 10.53
NA NA G . 23.37 0.37 13.08
NA NA H . 18.54 -8.64 12.87
#